data_2YEN
#
_entry.id   2YEN
#
_cell.length_a   1.000
_cell.length_b   1.000
_cell.length_c   1.000
_cell.angle_alpha   90.00
_cell.angle_beta   90.00
_cell.angle_gamma   90.00
#
_symmetry.space_group_name_H-M   'P 1'
#
_entity_poly.entity_id   1
_entity_poly.type   'polypeptide(L)'
_entity_poly.pdbx_seq_one_letter_code
;(PCA)GCCNGPKGCSSKWCRDHARCC(NH2)
;
_entity_poly.pdbx_strand_id   A
#
loop_
_chem_comp.id
_chem_comp.type
_chem_comp.name
_chem_comp.formula
NH2 non-polymer 'AMINO GROUP' 'H2 N'
#
# COMPACT_ATOMS: atom_id res chain seq x y z
N PCA A 1 0.49 -3.70 -6.84
CA PCA A 1 -0.44 -4.71 -6.42
CB PCA A 1 0.33 -5.43 -5.35
CG PCA A 1 1.72 -5.28 -5.87
CD PCA A 1 1.73 -3.92 -6.55
OE PCA A 1 2.71 -3.17 -6.73
C PCA A 1 -1.68 -4.05 -5.83
O PCA A 1 -2.31 -4.59 -4.93
H PCA A 1 0.21 -2.90 -7.35
HA PCA A 1 -0.67 -5.40 -7.22
HB2 PCA A 1 0.02 -6.46 -5.30
HB3 PCA A 1 0.19 -4.95 -4.40
HG2 PCA A 1 2.43 -5.29 -5.05
HG3 PCA A 1 1.95 -6.03 -6.61
N GLY A 2 -2.02 -2.88 -6.33
CA GLY A 2 -3.17 -2.18 -5.83
C GLY A 2 -2.76 -1.16 -4.81
N CYS A 3 -2.00 -1.62 -3.81
CA CYS A 3 -1.51 -0.79 -2.70
C CYS A 3 -0.78 0.44 -3.20
N CYS A 4 -0.01 0.25 -4.17
CA CYS A 4 0.83 1.30 -4.69
C CYS A 4 0.33 1.77 -6.04
N ASN A 5 -0.91 1.41 -6.34
CA ASN A 5 -1.51 1.76 -7.62
C ASN A 5 -2.72 2.66 -7.41
N GLY A 6 -3.28 2.59 -6.23
CA GLY A 6 -4.44 3.36 -5.90
C GLY A 6 -4.16 4.27 -4.73
N PRO A 7 -4.99 5.29 -4.50
CA PRO A 7 -4.78 6.29 -3.44
C PRO A 7 -4.97 5.75 -2.01
N LYS A 8 -5.66 4.65 -1.87
CA LYS A 8 -5.97 4.12 -0.54
C LYS A 8 -5.10 2.92 -0.20
N GLY A 9 -4.29 2.49 -1.15
CA GLY A 9 -3.48 1.31 -0.96
C GLY A 9 -2.46 1.46 0.14
N CYS A 10 -1.67 2.51 0.09
CA CYS A 10 -0.65 2.74 1.09
C CYS A 10 -1.23 3.45 2.30
N SER A 11 -2.54 3.61 2.26
CA SER A 11 -3.26 4.16 3.37
C SER A 11 -3.71 2.98 4.24
N SER A 12 -3.63 1.79 3.66
CA SER A 12 -3.91 0.57 4.36
C SER A 12 -2.61 0.14 5.03
N LYS A 13 -2.67 -0.11 6.33
CA LYS A 13 -1.48 -0.42 7.08
C LYS A 13 -0.80 -1.68 6.59
N TRP A 14 -1.57 -2.67 6.13
CA TRP A 14 -1.01 -3.93 5.63
C TRP A 14 -0.03 -3.66 4.50
N CYS A 15 -0.42 -2.80 3.60
CA CYS A 15 0.41 -2.45 2.49
C CYS A 15 1.60 -1.63 2.95
N ARG A 16 1.39 -0.80 3.95
CA ARG A 16 2.46 -0.03 4.55
C ARG A 16 3.48 -0.96 5.25
N ASP A 17 2.96 -1.99 5.91
CA ASP A 17 3.78 -2.97 6.62
C ASP A 17 4.54 -3.86 5.65
N HIS A 18 3.83 -4.44 4.71
CA HIS A 18 4.39 -5.47 3.85
C HIS A 18 4.97 -4.97 2.53
N ALA A 19 4.33 -4.00 1.92
CA ALA A 19 4.75 -3.55 0.61
C ALA A 19 5.81 -2.47 0.73
N ARG A 20 6.92 -2.71 0.10
CA ARG A 20 8.07 -1.82 0.14
C ARG A 20 7.82 -0.51 -0.61
N CYS A 21 6.87 -0.50 -1.52
CA CYS A 21 6.52 0.71 -2.25
C CYS A 21 5.68 1.66 -1.41
N CYS A 22 5.14 1.16 -0.31
CA CYS A 22 4.38 1.98 0.61
C CYS A 22 5.28 2.52 1.69
N NH2 A 23 5.83 3.68 1.46
HN1 NH2 A 23 6.65 3.71 0.92
HN2 NH2 A 23 5.38 4.46 1.84
N PCA A 1 1.04 -5.97 -4.66
CA PCA A 1 0.13 -6.19 -3.60
CB PCA A 1 0.73 -5.39 -2.47
CG PCA A 1 2.19 -5.53 -2.80
CD PCA A 1 2.23 -5.55 -4.32
OE PCA A 1 3.13 -5.13 -5.05
C PCA A 1 -1.22 -5.61 -4.00
O PCA A 1 -2.28 -6.07 -3.55
H PCA A 1 0.78 -6.14 -5.59
HA PCA A 1 0.08 -7.23 -3.31
HB2 PCA A 1 0.47 -5.85 -1.51
HB3 PCA A 1 0.39 -4.37 -2.51
HG2 PCA A 1 2.74 -4.68 -2.43
HG3 PCA A 1 2.60 -6.46 -2.42
N GLY A 2 -1.18 -4.62 -4.88
CA GLY A 2 -2.38 -3.95 -5.33
C GLY A 2 -2.54 -2.63 -4.63
N CYS A 3 -1.61 -2.34 -3.76
CA CYS A 3 -1.66 -1.16 -2.94
C CYS A 3 -0.97 0.00 -3.61
N CYS A 4 -0.20 -0.31 -4.59
CA CYS A 4 0.60 0.68 -5.29
C CYS A 4 -0.17 1.18 -6.51
N ASN A 5 -1.48 1.10 -6.42
CA ASN A 5 -2.37 1.46 -7.52
C ASN A 5 -2.69 2.94 -7.42
N GLY A 6 -2.58 3.45 -6.22
CA GLY A 6 -2.87 4.84 -5.97
C GLY A 6 -2.56 5.20 -4.53
N PRO A 7 -2.71 6.49 -4.15
CA PRO A 7 -2.41 6.98 -2.79
C PRO A 7 -3.27 6.37 -1.68
N LYS A 8 -4.43 5.84 -2.02
CA LYS A 8 -5.32 5.28 -1.03
C LYS A 8 -4.99 3.80 -0.82
N GLY A 9 -4.10 3.27 -1.64
CA GLY A 9 -3.65 1.91 -1.46
C GLY A 9 -2.81 1.83 -0.23
N CYS A 10 -2.10 2.91 0.03
CA CYS A 10 -1.23 3.02 1.19
C CYS A 10 -1.99 3.35 2.47
N SER A 11 -3.31 3.45 2.36
CA SER A 11 -4.16 3.70 3.51
C SER A 11 -4.62 2.37 4.14
N SER A 12 -3.82 1.36 3.92
CA SER A 12 -4.04 0.05 4.46
C SER A 12 -2.75 -0.34 5.16
N LYS A 13 -2.84 -0.82 6.40
CA LYS A 13 -1.65 -1.13 7.17
C LYS A 13 -0.85 -2.26 6.53
N TRP A 14 -1.55 -3.27 6.02
CA TRP A 14 -0.91 -4.39 5.33
C TRP A 14 -0.01 -3.88 4.21
N CYS A 15 -0.47 -2.87 3.53
CA CYS A 15 0.26 -2.29 2.44
C CYS A 15 1.42 -1.47 2.95
N ARG A 16 1.26 -0.88 4.11
CA ARG A 16 2.31 -0.07 4.69
C ARG A 16 3.44 -0.97 5.19
N ASP A 17 3.07 -2.12 5.72
CA ASP A 17 4.03 -3.11 6.21
C ASP A 17 4.69 -3.87 5.08
N HIS A 18 3.89 -4.34 4.14
CA HIS A 18 4.37 -5.29 3.14
C HIS A 18 4.71 -4.67 1.79
N ALA A 19 4.02 -3.61 1.40
CA ALA A 19 4.23 -3.04 0.08
C ALA A 19 5.31 -1.99 0.12
N ARG A 20 6.23 -2.09 -0.80
CA ARG A 20 7.40 -1.23 -0.89
C ARG A 20 7.01 0.20 -1.23
N CYS A 21 5.93 0.33 -1.98
CA CYS A 21 5.43 1.64 -2.38
C CYS A 21 4.86 2.40 -1.19
N CYS A 22 4.46 1.68 -0.17
CA CYS A 22 3.88 2.29 0.99
C CYS A 22 4.85 2.18 2.17
N NH2 A 23 4.95 1.03 2.75
HN1 NH2 A 23 4.91 0.97 3.73
HN2 NH2 A 23 5.07 0.24 2.18
N PCA A 1 0.48 -2.93 -7.68
CA PCA A 1 -0.87 -3.36 -7.79
CB PCA A 1 -0.79 -4.53 -8.72
CG PCA A 1 0.35 -4.07 -9.59
CD PCA A 1 1.25 -3.29 -8.63
OE PCA A 1 2.48 -3.05 -8.77
C PCA A 1 -1.37 -3.75 -6.42
O PCA A 1 -0.61 -4.29 -5.61
H PCA A 1 0.81 -2.44 -6.90
HA PCA A 1 -1.49 -2.58 -8.23
HB2 PCA A 1 -1.72 -4.63 -9.27
HB3 PCA A 1 -0.57 -5.43 -8.18
HG2 PCA A 1 0.88 -4.91 -10.01
HG3 PCA A 1 0.01 -3.39 -10.36
N GLY A 2 -2.59 -3.45 -6.15
CA GLY A 2 -3.15 -3.73 -4.86
C GLY A 2 -3.09 -2.51 -4.00
N CYS A 3 -2.02 -2.36 -3.30
CA CYS A 3 -1.87 -1.23 -2.42
C CYS A 3 -1.16 -0.10 -3.12
N CYS A 4 -0.22 -0.46 -3.90
CA CYS A 4 0.67 0.51 -4.55
C CYS A 4 0.16 1.03 -5.88
N ASN A 5 -1.07 0.71 -6.23
CA ASN A 5 -1.61 1.22 -7.49
C ASN A 5 -2.70 2.23 -7.18
N GLY A 6 -2.41 3.05 -6.21
CA GLY A 6 -3.28 4.11 -5.83
C GLY A 6 -2.81 4.75 -4.57
N PRO A 7 -2.96 6.08 -4.41
CA PRO A 7 -2.54 6.80 -3.21
C PRO A 7 -3.27 6.32 -1.97
N LYS A 8 -4.47 5.84 -2.14
CA LYS A 8 -5.27 5.37 -1.03
C LYS A 8 -5.27 3.85 -1.00
N GLY A 9 -4.40 3.26 -1.82
CA GLY A 9 -4.26 1.84 -1.85
C GLY A 9 -3.48 1.36 -0.65
N CYS A 10 -2.56 2.18 -0.20
CA CYS A 10 -1.71 1.87 0.92
C CYS A 10 -2.31 2.35 2.23
N SER A 11 -3.62 2.39 2.27
CA SER A 11 -4.38 2.81 3.42
C SER A 11 -4.12 1.88 4.61
N SER A 12 -4.17 0.60 4.35
CA SER A 12 -3.96 -0.42 5.34
C SER A 12 -2.51 -0.41 5.84
N LYS A 13 -2.34 -0.56 7.15
CA LYS A 13 -1.01 -0.67 7.77
C LYS A 13 -0.31 -1.88 7.17
N TRP A 14 -1.08 -2.93 6.85
CA TRP A 14 -0.57 -4.11 6.17
C TRP A 14 0.22 -3.69 4.91
N CYS A 15 -0.41 -2.84 4.11
CA CYS A 15 0.19 -2.34 2.88
C CYS A 15 1.40 -1.49 3.20
N ARG A 16 1.25 -0.60 4.15
CA ARG A 16 2.32 0.32 4.52
C ARG A 16 3.53 -0.46 5.10
N ASP A 17 3.26 -1.58 5.69
CA ASP A 17 4.29 -2.37 6.34
C ASP A 17 4.94 -3.34 5.38
N HIS A 18 4.14 -4.06 4.62
CA HIS A 18 4.67 -5.13 3.78
C HIS A 18 4.98 -4.67 2.37
N ALA A 19 4.35 -3.61 1.93
CA ALA A 19 4.59 -3.12 0.60
C ALA A 19 5.60 -2.02 0.65
N ARG A 20 6.68 -2.24 -0.06
CA ARG A 20 7.82 -1.35 -0.09
C ARG A 20 7.49 -0.12 -0.93
N CYS A 21 6.53 -0.29 -1.79
CA CYS A 21 6.06 0.75 -2.67
C CYS A 21 5.03 1.66 -1.99
N CYS A 22 4.77 1.41 -0.72
CA CYS A 22 3.87 2.24 0.04
C CYS A 22 4.66 3.23 0.87
N NH2 A 23 4.87 4.41 0.33
HN1 NH2 A 23 4.36 4.64 -0.48
HN2 NH2 A 23 5.52 5.00 0.76
N PCA A 1 2.60 -3.52 -6.80
CA PCA A 1 1.88 -4.28 -5.85
CB PCA A 1 2.56 -3.93 -4.55
CG PCA A 1 3.96 -3.74 -5.06
CD PCA A 1 3.78 -3.16 -6.45
OE PCA A 1 4.63 -2.49 -7.12
C PCA A 1 0.43 -3.87 -5.86
O PCA A 1 0.08 -2.82 -6.43
H PCA A 1 2.20 -3.28 -7.67
HA PCA A 1 2.00 -5.35 -6.02
HB2 PCA A 1 2.48 -4.75 -3.85
HB3 PCA A 1 2.14 -3.02 -4.14
HG2 PCA A 1 4.51 -3.05 -4.43
HG3 PCA A 1 4.49 -4.69 -5.15
N GLY A 2 -0.41 -4.63 -5.20
CA GLY A 2 -1.84 -4.39 -5.22
C GLY A 2 -2.25 -3.22 -4.38
N CYS A 3 -1.43 -2.87 -3.43
CA CYS A 3 -1.74 -1.76 -2.56
C CYS A 3 -1.18 -0.45 -3.12
N CYS A 4 -0.57 -0.52 -4.28
CA CYS A 4 0.02 0.65 -4.88
C CYS A 4 -0.71 0.99 -6.17
N ASN A 5 -2.03 0.87 -6.11
CA ASN A 5 -2.91 1.19 -7.24
C ASN A 5 -3.40 2.63 -7.15
N GLY A 6 -2.78 3.37 -6.27
CA GLY A 6 -3.12 4.74 -6.03
C GLY A 6 -2.62 5.18 -4.68
N PRO A 7 -2.56 6.50 -4.41
CA PRO A 7 -2.08 7.05 -3.13
C PRO A 7 -2.87 6.59 -1.87
N LYS A 8 -4.07 6.08 -2.03
CA LYS A 8 -4.85 5.61 -0.89
C LYS A 8 -4.85 4.08 -0.80
N GLY A 9 -3.98 3.44 -1.54
CA GLY A 9 -3.92 1.99 -1.52
C GLY A 9 -3.30 1.45 -0.24
N CYS A 10 -2.29 2.12 0.24
CA CYS A 10 -1.58 1.70 1.44
C CYS A 10 -2.07 2.45 2.67
N SER A 11 -3.34 2.76 2.67
CA SER A 11 -3.96 3.39 3.81
C SER A 11 -4.09 2.37 4.94
N SER A 12 -4.38 1.14 4.56
CA SER A 12 -4.47 0.05 5.47
C SER A 12 -3.08 -0.31 5.99
N LYS A 13 -3.03 -0.71 7.24
CA LYS A 13 -1.80 -1.02 7.95
C LYS A 13 -0.97 -2.11 7.24
N TRP A 14 -1.62 -3.19 6.79
CA TRP A 14 -0.92 -4.28 6.12
C TRP A 14 -0.29 -3.77 4.83
N CYS A 15 -1.08 -3.10 4.01
CA CYS A 15 -0.57 -2.49 2.79
C CYS A 15 0.58 -1.52 3.05
N ARG A 16 0.46 -0.73 4.11
CA ARG A 16 1.51 0.21 4.50
C ARG A 16 2.83 -0.52 4.82
N ASP A 17 2.73 -1.67 5.44
CA ASP A 17 3.91 -2.49 5.75
C ASP A 17 4.44 -3.23 4.55
N HIS A 18 3.57 -3.93 3.89
CA HIS A 18 4.02 -4.94 2.92
C HIS A 18 4.21 -4.42 1.53
N ALA A 19 3.66 -3.28 1.20
CA ALA A 19 3.91 -2.73 -0.11
C ALA A 19 5.20 -1.92 -0.04
N ARG A 20 6.21 -2.38 -0.77
CA ARG A 20 7.53 -1.74 -0.76
C ARG A 20 7.46 -0.37 -1.39
N CYS A 21 6.48 -0.20 -2.25
CA CYS A 21 6.21 1.09 -2.89
C CYS A 21 5.64 2.10 -1.89
N CYS A 22 5.24 1.62 -0.73
CA CYS A 22 4.75 2.46 0.32
C CYS A 22 5.67 2.30 1.53
N NH2 A 23 5.31 1.43 2.43
HN1 NH2 A 23 5.42 0.48 2.23
HN2 NH2 A 23 4.93 1.75 3.28
N PCA A 1 2.01 -4.54 -6.81
CA PCA A 1 1.05 -5.58 -6.65
CB PCA A 1 1.89 -6.81 -6.49
CG PCA A 1 3.06 -6.45 -7.35
CD PCA A 1 3.20 -4.93 -7.18
OE PCA A 1 4.24 -4.24 -7.38
C PCA A 1 0.18 -5.32 -5.44
O PCA A 1 0.61 -5.51 -4.30
H PCA A 1 1.75 -3.60 -6.66
HA PCA A 1 0.46 -5.69 -7.56
HB2 PCA A 1 1.36 -7.68 -6.85
HB3 PCA A 1 2.17 -6.94 -5.44
HG2 PCA A 1 3.96 -6.94 -7.00
HG3 PCA A 1 2.87 -6.65 -8.39
N GLY A 2 -1.00 -4.82 -5.68
CA GLY A 2 -1.92 -4.57 -4.64
C GLY A 2 -2.01 -3.12 -4.28
N CYS A 3 -1.39 -2.77 -3.20
CA CYS A 3 -1.49 -1.42 -2.65
C CYS A 3 -0.43 -0.44 -3.15
N CYS A 4 -0.25 -0.35 -4.43
CA CYS A 4 0.62 0.71 -4.96
C CYS A 4 -0.21 1.62 -5.83
N ASN A 5 -1.50 1.43 -5.72
CA ASN A 5 -2.48 2.19 -6.40
C ASN A 5 -3.65 2.32 -5.47
N GLY A 6 -4.36 3.39 -5.57
CA GLY A 6 -5.49 3.61 -4.71
C GLY A 6 -5.51 5.02 -4.20
N PRO A 7 -6.29 5.33 -3.15
CA PRO A 7 -6.37 6.66 -2.56
C PRO A 7 -5.03 7.17 -2.03
N LYS A 8 -4.27 6.31 -1.36
CA LYS A 8 -2.99 6.71 -0.78
C LYS A 8 -1.91 5.68 -1.08
N GLY A 9 -2.17 4.83 -2.05
CA GLY A 9 -1.27 3.75 -2.32
C GLY A 9 -1.41 2.70 -1.25
N CYS A 10 -0.75 2.89 -0.15
CA CYS A 10 -0.84 1.99 0.97
C CYS A 10 -1.76 2.58 2.02
N SER A 11 -3.01 2.73 1.66
CA SER A 11 -4.00 3.25 2.57
C SER A 11 -4.40 2.12 3.53
N SER A 12 -4.37 0.90 3.02
CA SER A 12 -4.62 -0.28 3.81
C SER A 12 -3.42 -0.48 4.73
N LYS A 13 -3.71 -0.70 6.00
CA LYS A 13 -2.72 -0.80 7.06
C LYS A 13 -1.65 -1.86 6.77
N TRP A 14 -2.09 -3.03 6.35
CA TRP A 14 -1.19 -4.14 6.02
C TRP A 14 -0.19 -3.70 4.96
N CYS A 15 -0.67 -3.01 3.97
CA CYS A 15 0.16 -2.59 2.87
C CYS A 15 1.20 -1.55 3.30
N ARG A 16 0.85 -0.75 4.27
CA ARG A 16 1.74 0.30 4.77
C ARG A 16 3.00 -0.35 5.40
N ASP A 17 2.82 -1.52 6.00
CA ASP A 17 3.95 -2.23 6.62
C ASP A 17 4.54 -3.30 5.70
N HIS A 18 3.78 -3.74 4.71
CA HIS A 18 4.21 -4.89 3.91
C HIS A 18 4.50 -4.61 2.44
N ALA A 19 4.04 -3.50 1.91
CA ALA A 19 4.24 -3.21 0.50
C ALA A 19 5.66 -2.75 0.24
N ARG A 20 6.08 -2.87 -1.00
CA ARG A 20 7.42 -2.49 -1.41
C ARG A 20 7.43 -1.01 -1.71
N CYS A 21 6.35 -0.56 -2.30
CA CYS A 21 6.22 0.82 -2.75
C CYS A 21 6.09 1.82 -1.60
N CYS A 22 5.86 1.34 -0.39
CA CYS A 22 5.77 2.19 0.75
C CYS A 22 6.82 1.79 1.77
N NH2 A 23 7.92 2.50 1.79
HN1 NH2 A 23 8.00 3.25 1.16
HN2 NH2 A 23 8.63 2.27 2.43
N PCA A 1 -1.63 -7.68 -4.66
CA PCA A 1 -0.79 -7.17 -3.61
CB PCA A 1 0.35 -8.14 -3.60
CG PCA A 1 -0.34 -9.40 -4.05
CD PCA A 1 -1.42 -8.91 -5.01
OE PCA A 1 -1.90 -9.54 -5.99
C PCA A 1 -0.31 -5.78 -3.99
O PCA A 1 0.29 -5.08 -3.18
H PCA A 1 -2.37 -7.13 -5.03
HA PCA A 1 -1.29 -7.20 -2.66
HB2 PCA A 1 0.76 -8.23 -2.60
HB3 PCA A 1 1.12 -7.83 -4.29
HG2 PCA A 1 0.36 -10.05 -4.56
HG3 PCA A 1 -0.83 -9.89 -3.22
N GLY A 2 -0.56 -5.41 -5.24
CA GLY A 2 -0.16 -4.12 -5.74
C GLY A 2 -1.06 -3.01 -5.23
N CYS A 3 -0.79 -2.58 -4.04
CA CYS A 3 -1.57 -1.57 -3.36
C CYS A 3 -1.27 -0.18 -3.87
N CYS A 4 -0.11 -0.01 -4.41
CA CYS A 4 0.35 1.28 -4.87
C CYS A 4 -0.17 1.57 -6.27
N ASN A 5 -1.44 1.80 -6.35
CA ASN A 5 -2.11 2.16 -7.58
C ASN A 5 -3.30 3.06 -7.28
N GLY A 6 -3.34 3.55 -6.06
CA GLY A 6 -4.43 4.36 -5.61
C GLY A 6 -4.04 5.18 -4.41
N PRO A 7 -4.82 6.23 -4.08
CA PRO A 7 -4.49 7.16 -2.97
C PRO A 7 -4.64 6.55 -1.57
N LYS A 8 -5.30 5.42 -1.48
CA LYS A 8 -5.51 4.76 -0.21
C LYS A 8 -4.57 3.58 -0.07
N GLY A 9 -3.72 3.39 -1.07
CA GLY A 9 -2.79 2.26 -1.11
C GLY A 9 -1.93 2.16 0.13
N CYS A 10 -1.15 3.17 0.39
CA CYS A 10 -0.23 3.16 1.52
C CYS A 10 -0.95 3.54 2.81
N SER A 11 -2.22 3.87 2.67
CA SER A 11 -3.03 4.18 3.79
C SER A 11 -3.66 2.89 4.35
N SER A 12 -3.60 1.82 3.55
CA SER A 12 -4.12 0.53 3.95
C SER A 12 -3.07 -0.12 4.85
N LYS A 13 -3.52 -0.69 5.96
CA LYS A 13 -2.66 -1.27 6.99
C LYS A 13 -1.65 -2.27 6.42
N TRP A 14 -2.14 -3.27 5.72
CA TRP A 14 -1.30 -4.31 5.17
C TRP A 14 -0.33 -3.70 4.19
N CYS A 15 -0.85 -2.91 3.31
CA CYS A 15 -0.09 -2.32 2.24
C CYS A 15 1.01 -1.40 2.76
N ARG A 16 0.76 -0.70 3.86
CA ARG A 16 1.75 0.21 4.44
C ARG A 16 3.04 -0.52 4.80
N ASP A 17 2.92 -1.73 5.30
CA ASP A 17 4.09 -2.47 5.75
C ASP A 17 4.52 -3.55 4.79
N HIS A 18 3.59 -4.07 4.02
CA HIS A 18 3.87 -5.22 3.18
C HIS A 18 4.07 -4.84 1.72
N ALA A 19 3.81 -3.60 1.38
CA ALA A 19 4.09 -3.12 0.04
C ALA A 19 5.33 -2.25 0.13
N ARG A 20 6.37 -2.64 -0.59
CA ARG A 20 7.69 -1.98 -0.50
C ARG A 20 7.63 -0.54 -1.03
N CYS A 21 6.62 -0.26 -1.81
CA CYS A 21 6.43 1.06 -2.39
C CYS A 21 5.85 2.05 -1.37
N CYS A 22 5.54 1.57 -0.17
CA CYS A 22 5.04 2.42 0.88
C CYS A 22 6.12 2.66 1.92
N NH2 A 23 6.95 3.67 1.67
HN1 NH2 A 23 6.61 4.41 1.13
HN2 NH2 A 23 7.85 3.64 2.03
N PCA A 1 2.60 -3.45 -4.71
CA PCA A 1 2.09 -3.55 -6.03
CB PCA A 1 2.54 -4.91 -6.47
CG PCA A 1 3.84 -5.01 -5.71
CD PCA A 1 3.56 -4.24 -4.41
OE PCA A 1 4.13 -4.37 -3.30
C PCA A 1 0.58 -3.44 -5.98
O PCA A 1 -0.01 -2.47 -6.47
H PCA A 1 2.22 -2.82 -4.06
HA PCA A 1 2.53 -2.81 -6.67
HB2 PCA A 1 2.69 -4.95 -7.54
HB3 PCA A 1 1.82 -5.66 -6.17
HG2 PCA A 1 4.07 -6.05 -5.48
HG3 PCA A 1 4.64 -4.52 -6.22
N GLY A 2 -0.04 -4.40 -5.31
CA GLY A 2 -1.49 -4.41 -5.16
C GLY A 2 -1.97 -3.27 -4.30
N CYS A 3 -1.25 -3.02 -3.22
CA CYS A 3 -1.58 -1.94 -2.30
C CYS A 3 -0.86 -0.66 -2.72
N CYS A 4 -0.43 -0.59 -3.95
CA CYS A 4 0.26 0.60 -4.45
C CYS A 4 -0.57 1.24 -5.55
N ASN A 5 -1.78 0.77 -5.66
CA ASN A 5 -2.69 1.21 -6.68
C ASN A 5 -3.69 2.20 -6.11
N GLY A 6 -3.66 3.40 -6.60
CA GLY A 6 -4.64 4.38 -6.23
C GLY A 6 -4.04 5.54 -5.47
N PRO A 7 -4.81 6.63 -5.27
CA PRO A 7 -4.35 7.82 -4.52
C PRO A 7 -4.10 7.51 -3.05
N LYS A 8 -4.65 6.42 -2.57
CA LYS A 8 -4.48 6.02 -1.21
C LYS A 8 -3.25 5.16 -1.12
N GLY A 9 -3.27 4.06 -1.84
CA GLY A 9 -2.18 3.14 -1.84
C GLY A 9 -2.19 2.38 -0.56
N CYS A 10 -1.37 2.79 0.36
CA CYS A 10 -1.30 2.16 1.64
C CYS A 10 -2.27 2.82 2.59
N SER A 11 -3.51 2.47 2.41
CA SER A 11 -4.57 2.90 3.25
C SER A 11 -4.82 1.85 4.33
N SER A 12 -4.50 0.62 3.99
CA SER A 12 -4.55 -0.45 4.94
C SER A 12 -3.20 -0.53 5.61
N LYS A 13 -3.21 -0.66 6.92
CA LYS A 13 -1.98 -0.63 7.69
C LYS A 13 -1.08 -1.80 7.34
N TRP A 14 -1.67 -2.96 7.08
CA TRP A 14 -0.91 -4.13 6.69
C TRP A 14 -0.13 -3.83 5.40
N CYS A 15 -0.77 -3.13 4.48
CA CYS A 15 -0.15 -2.80 3.23
C CYS A 15 1.01 -1.85 3.41
N ARG A 16 0.98 -1.02 4.44
CA ARG A 16 2.02 -0.05 4.65
C ARG A 16 3.33 -0.73 5.08
N ASP A 17 3.20 -1.93 5.59
CA ASP A 17 4.38 -2.70 6.01
C ASP A 17 4.76 -3.73 4.97
N HIS A 18 3.88 -3.97 4.01
CA HIS A 18 4.10 -5.08 3.07
C HIS A 18 4.18 -4.67 1.61
N ALA A 19 3.62 -3.54 1.26
CA ALA A 19 3.67 -3.07 -0.12
C ALA A 19 5.03 -2.49 -0.40
N ARG A 20 5.55 -2.74 -1.58
CA ARG A 20 6.90 -2.29 -1.96
C ARG A 20 7.01 -0.78 -2.04
N CYS A 21 5.87 -0.12 -2.14
CA CYS A 21 5.80 1.33 -2.21
C CYS A 21 5.77 1.95 -0.82
N CYS A 22 5.73 1.11 0.20
CA CYS A 22 5.68 1.56 1.56
C CYS A 22 6.70 0.79 2.40
N NH2 A 23 7.85 1.34 2.57
HN1 NH2 A 23 8.62 0.78 2.77
HN2 NH2 A 23 7.90 2.32 2.47
N PCA A 1 -3.37 -8.06 -5.24
CA PCA A 1 -2.20 -7.46 -4.71
CB PCA A 1 -1.17 -8.53 -4.86
CG PCA A 1 -2.03 -9.74 -4.65
CD PCA A 1 -3.37 -9.35 -5.25
OE PCA A 1 -4.27 -10.14 -5.67
C PCA A 1 -1.83 -6.23 -5.51
O PCA A 1 -2.08 -6.15 -6.72
H PCA A 1 -4.10 -7.49 -5.58
HA PCA A 1 -2.32 -7.24 -3.66
HB2 PCA A 1 -0.41 -8.42 -4.09
HB3 PCA A 1 -0.73 -8.50 -5.84
HG2 PCA A 1 -1.62 -10.60 -5.15
HG3 PCA A 1 -2.18 -9.93 -3.59
N GLY A 2 -1.29 -5.26 -4.83
CA GLY A 2 -0.91 -4.03 -5.45
C GLY A 2 -1.52 -2.89 -4.71
N CYS A 3 -0.90 -2.49 -3.63
CA CYS A 3 -1.42 -1.41 -2.81
C CYS A 3 -1.03 -0.09 -3.40
N CYS A 4 0.05 -0.08 -4.08
CA CYS A 4 0.49 1.09 -4.77
C CYS A 4 -0.19 1.13 -6.12
N ASN A 5 -1.45 1.44 -6.08
CA ASN A 5 -2.29 1.57 -7.26
C ASN A 5 -2.85 2.97 -7.33
N GLY A 6 -2.44 3.77 -6.36
CA GLY A 6 -2.91 5.11 -6.26
C GLY A 6 -2.68 5.65 -4.87
N PRO A 7 -3.36 6.75 -4.50
CA PRO A 7 -3.14 7.44 -3.24
C PRO A 7 -3.95 6.90 -2.04
N LYS A 8 -4.69 5.81 -2.21
CA LYS A 8 -5.48 5.26 -1.11
C LYS A 8 -5.10 3.80 -0.87
N GLY A 9 -4.09 3.34 -1.58
CA GLY A 9 -3.71 1.95 -1.51
C GLY A 9 -2.89 1.59 -0.30
N CYS A 10 -2.07 2.51 0.15
CA CYS A 10 -1.21 2.26 1.29
C CYS A 10 -1.90 2.72 2.60
N SER A 11 -3.20 2.81 2.56
CA SER A 11 -3.98 3.25 3.70
C SER A 11 -4.06 2.10 4.71
N SER A 12 -4.41 0.91 4.24
CA SER A 12 -4.46 -0.29 5.06
C SER A 12 -3.07 -0.56 5.68
N LYS A 13 -3.05 -0.93 6.96
CA LYS A 13 -1.82 -1.20 7.74
C LYS A 13 -0.90 -2.16 6.99
N TRP A 14 -1.49 -3.25 6.51
CA TRP A 14 -0.75 -4.27 5.79
C TRP A 14 -0.03 -3.66 4.58
N CYS A 15 -0.69 -2.76 3.90
CA CYS A 15 -0.10 -2.13 2.73
C CYS A 15 1.00 -1.16 3.11
N ARG A 16 0.87 -0.55 4.26
CA ARG A 16 1.85 0.40 4.73
C ARG A 16 3.14 -0.32 5.19
N ASP A 17 3.03 -1.60 5.45
CA ASP A 17 4.21 -2.41 5.80
C ASP A 17 4.72 -3.19 4.59
N HIS A 18 3.80 -3.79 3.87
CA HIS A 18 4.15 -4.76 2.84
C HIS A 18 4.38 -4.17 1.46
N ALA A 19 3.82 -3.02 1.18
CA ALA A 19 4.07 -2.42 -0.13
C ALA A 19 5.48 -1.87 -0.12
N ARG A 20 6.27 -2.26 -1.09
CA ARG A 20 7.68 -1.88 -1.14
C ARG A 20 7.84 -0.40 -1.48
N CYS A 21 6.79 0.15 -1.98
CA CYS A 21 6.70 1.53 -2.36
C CYS A 21 6.11 2.38 -1.23
N CYS A 22 5.77 1.73 -0.13
CA CYS A 22 5.23 2.41 1.04
C CYS A 22 5.83 1.76 2.29
N NH2 A 23 5.21 0.72 2.76
HN1 NH2 A 23 4.80 0.77 3.65
HN2 NH2 A 23 5.21 -0.09 2.19
N PCA A 1 1.46 -6.59 -3.30
CA PCA A 1 0.34 -5.90 -2.78
CB PCA A 1 0.87 -5.28 -1.52
CG PCA A 1 1.86 -6.34 -1.12
CD PCA A 1 2.38 -6.86 -2.45
OE PCA A 1 3.49 -7.43 -2.64
C PCA A 1 -0.11 -4.83 -3.76
O PCA A 1 0.71 -4.07 -4.28
H PCA A 1 1.51 -6.85 -4.25
HA PCA A 1 -0.46 -6.57 -2.52
HB2 PCA A 1 0.08 -5.17 -0.79
HB3 PCA A 1 1.34 -4.33 -1.73
HG2 PCA A 1 2.67 -5.89 -0.54
HG3 PCA A 1 1.39 -7.15 -0.59
N GLY A 2 -1.40 -4.78 -3.99
CA GLY A 2 -1.96 -3.82 -4.88
C GLY A 2 -2.43 -2.60 -4.13
N CYS A 3 -1.49 -1.87 -3.60
CA CYS A 3 -1.80 -0.70 -2.82
C CYS A 3 -1.04 0.53 -3.28
N CYS A 4 -0.26 0.37 -4.32
CA CYS A 4 0.55 1.45 -4.82
C CYS A 4 0.04 1.84 -6.19
N ASN A 5 -1.17 1.40 -6.47
CA ASN A 5 -1.86 1.66 -7.72
C ASN A 5 -2.66 2.95 -7.61
N GLY A 6 -2.95 3.32 -6.40
CA GLY A 6 -3.68 4.51 -6.12
C GLY A 6 -3.25 5.09 -4.80
N PRO A 7 -3.40 6.42 -4.60
CA PRO A 7 -2.94 7.11 -3.38
C PRO A 7 -3.63 6.61 -2.09
N LYS A 8 -4.85 6.13 -2.22
CA LYS A 8 -5.57 5.64 -1.07
C LYS A 8 -5.32 4.17 -0.86
N GLY A 9 -4.54 3.56 -1.75
CA GLY A 9 -4.20 2.16 -1.60
C GLY A 9 -3.29 1.95 -0.42
N CYS A 10 -2.33 2.85 -0.27
CA CYS A 10 -1.36 2.79 0.83
C CYS A 10 -1.96 3.17 2.19
N SER A 11 -3.27 3.23 2.26
CA SER A 11 -3.95 3.51 3.50
C SER A 11 -4.06 2.20 4.29
N SER A 12 -3.99 1.09 3.59
CA SER A 12 -4.07 -0.21 4.21
C SER A 12 -2.76 -0.50 4.97
N LYS A 13 -2.87 -0.77 6.26
CA LYS A 13 -1.70 -0.99 7.10
C LYS A 13 -0.92 -2.22 6.65
N TRP A 14 -1.63 -3.21 6.14
CA TRP A 14 -1.00 -4.42 5.63
C TRP A 14 -0.06 -4.04 4.47
N CYS A 15 -0.48 -3.08 3.69
CA CYS A 15 0.31 -2.65 2.57
C CYS A 15 1.43 -1.71 2.98
N ARG A 16 1.41 -1.23 4.19
CA ARG A 16 2.49 -0.39 4.67
C ARG A 16 3.69 -1.27 5.01
N ASP A 17 3.41 -2.47 5.48
CA ASP A 17 4.45 -3.43 5.82
C ASP A 17 4.80 -4.30 4.63
N HIS A 18 3.82 -4.62 3.83
CA HIS A 18 4.06 -5.54 2.73
C HIS A 18 4.41 -4.85 1.43
N ALA A 19 3.78 -3.75 1.14
CA ALA A 19 4.09 -3.03 -0.07
C ALA A 19 5.16 -2.00 0.24
N ARG A 20 6.35 -2.27 -0.22
CA ARG A 20 7.49 -1.41 0.07
C ARG A 20 7.51 -0.18 -0.81
N CYS A 21 6.48 -0.06 -1.58
CA CYS A 21 6.22 1.12 -2.36
C CYS A 21 5.36 2.12 -1.55
N CYS A 22 4.85 1.65 -0.40
CA CYS A 22 4.08 2.50 0.50
C CYS A 22 4.95 3.00 1.65
N NH2 A 23 5.61 4.10 1.46
HN1 NH2 A 23 6.18 4.15 0.66
HN2 NH2 A 23 5.50 4.83 2.10
N PCA A 1 -0.44 -3.21 -8.93
CA PCA A 1 -0.35 -3.95 -7.73
CB PCA A 1 0.83 -3.30 -7.03
CG PCA A 1 1.66 -2.93 -8.22
CD PCA A 1 0.63 -2.59 -9.29
OE PCA A 1 0.81 -1.86 -10.30
C PCA A 1 -1.62 -3.79 -6.93
O PCA A 1 -2.47 -2.97 -7.29
H PCA A 1 -1.29 -3.18 -9.44
HA PCA A 1 -0.11 -4.98 -7.91
HB2 PCA A 1 1.32 -4.02 -6.38
HB3 PCA A 1 0.50 -2.45 -6.47
HG2 PCA A 1 2.28 -2.07 -8.00
HG3 PCA A 1 2.25 -3.77 -8.57
N GLY A 2 -1.75 -4.54 -5.86
CA GLY A 2 -2.94 -4.48 -5.05
C GLY A 2 -3.06 -3.19 -4.28
N CYS A 3 -1.99 -2.79 -3.64
CA CYS A 3 -2.00 -1.60 -2.83
C CYS A 3 -1.54 -0.42 -3.63
N CYS A 4 -0.43 -0.58 -4.22
CA CYS A 4 0.22 0.50 -4.92
C CYS A 4 -0.20 0.59 -6.39
N ASN A 5 -1.41 1.02 -6.59
CA ASN A 5 -1.93 1.29 -7.93
C ASN A 5 -2.91 2.45 -7.86
N GLY A 6 -2.91 3.10 -6.72
CA GLY A 6 -3.81 4.20 -6.49
C GLY A 6 -3.33 5.02 -5.34
N PRO A 7 -3.85 6.24 -5.16
CA PRO A 7 -3.40 7.16 -4.11
C PRO A 7 -3.76 6.73 -2.69
N LYS A 8 -4.76 5.86 -2.57
CA LYS A 8 -5.23 5.42 -1.27
C LYS A 8 -4.92 3.95 -1.03
N GLY A 9 -3.81 3.51 -1.57
CA GLY A 9 -3.44 2.14 -1.43
C GLY A 9 -2.55 1.85 -0.24
N CYS A 10 -2.09 2.89 0.43
CA CYS A 10 -1.17 2.70 1.55
C CYS A 10 -1.78 3.14 2.87
N SER A 11 -3.10 3.12 2.92
CA SER A 11 -3.80 3.57 4.11
C SER A 11 -3.91 2.46 5.15
N SER A 12 -3.65 1.24 4.76
CA SER A 12 -3.73 0.13 5.65
C SER A 12 -2.36 -0.26 6.19
N LYS A 13 -2.35 -0.86 7.36
CA LYS A 13 -1.15 -1.34 7.99
C LYS A 13 -0.50 -2.41 7.15
N TRP A 14 -1.32 -3.28 6.57
CA TRP A 14 -0.82 -4.36 5.76
C TRP A 14 -0.02 -3.82 4.58
N CYS A 15 -0.60 -2.90 3.85
CA CYS A 15 0.08 -2.33 2.70
C CYS A 15 1.27 -1.49 3.13
N ARG A 16 1.14 -0.76 4.22
CA ARG A 16 2.24 0.07 4.73
C ARG A 16 3.44 -0.80 5.16
N ASP A 17 3.15 -1.92 5.79
CA ASP A 17 4.20 -2.79 6.31
C ASP A 17 4.81 -3.68 5.24
N HIS A 18 3.95 -4.31 4.47
CA HIS A 18 4.39 -5.38 3.56
C HIS A 18 4.70 -4.89 2.17
N ALA A 19 4.31 -3.67 1.85
CA ALA A 19 4.63 -3.12 0.56
C ALA A 19 5.63 -2.01 0.73
N ARG A 20 6.74 -2.11 0.04
CA ARG A 20 7.82 -1.14 0.17
C ARG A 20 7.49 0.12 -0.58
N CYS A 21 6.58 0.00 -1.52
CA CYS A 21 6.05 1.15 -2.22
C CYS A 21 5.24 2.03 -1.26
N CYS A 22 4.80 1.45 -0.15
CA CYS A 22 4.14 2.19 0.88
C CYS A 22 5.15 2.52 1.98
N NH2 A 23 5.39 1.59 2.87
HN1 NH2 A 23 5.33 0.65 2.59
HN2 NH2 A 23 5.64 1.87 3.78
N PCA A 1 -2.88 -7.40 -5.06
CA PCA A 1 -1.58 -6.92 -4.76
CB PCA A 1 -0.69 -7.77 -5.64
CG PCA A 1 -1.49 -9.04 -5.69
CD PCA A 1 -2.94 -8.55 -5.63
OE PCA A 1 -3.95 -9.11 -6.14
C PCA A 1 -1.48 -5.47 -5.20
O PCA A 1 -0.41 -4.98 -5.53
H PCA A 1 -3.69 -6.88 -4.83
HA PCA A 1 -1.29 -7.08 -3.73
HB2 PCA A 1 0.27 -7.93 -5.17
HB3 PCA A 1 -0.57 -7.32 -6.62
HG2 PCA A 1 -1.32 -9.57 -6.61
HG3 PCA A 1 -1.31 -9.66 -4.82
N GLY A 2 -2.61 -4.79 -5.18
CA GLY A 2 -2.67 -3.45 -5.68
C GLY A 2 -2.71 -2.42 -4.61
N CYS A 3 -1.62 -2.26 -3.91
CA CYS A 3 -1.55 -1.23 -2.89
C CYS A 3 -0.70 -0.08 -3.37
N CYS A 4 0.01 -0.29 -4.42
CA CYS A 4 0.89 0.74 -4.93
C CYS A 4 0.20 1.56 -5.99
N ASN A 5 -0.86 1.03 -6.56
CA ASN A 5 -1.59 1.74 -7.59
C ASN A 5 -2.81 2.47 -7.01
N GLY A 6 -2.54 3.60 -6.43
CA GLY A 6 -3.57 4.43 -5.90
C GLY A 6 -3.09 5.20 -4.71
N PRO A 7 -3.56 6.46 -4.52
CA PRO A 7 -3.16 7.30 -3.37
C PRO A 7 -3.52 6.66 -2.04
N LYS A 8 -4.64 5.98 -2.02
CA LYS A 8 -5.12 5.35 -0.82
C LYS A 8 -4.72 3.89 -0.79
N GLY A 9 -3.74 3.53 -1.61
CA GLY A 9 -3.29 2.18 -1.66
C GLY A 9 -2.60 1.77 -0.38
N CYS A 10 -1.97 2.73 0.25
CA CYS A 10 -1.20 2.50 1.46
C CYS A 10 -2.04 2.76 2.73
N SER A 11 -3.36 2.83 2.58
CA SER A 11 -4.24 3.14 3.72
C SER A 11 -4.21 2.01 4.74
N SER A 12 -4.28 0.80 4.27
CA SER A 12 -4.20 -0.35 5.11
C SER A 12 -2.75 -0.53 5.55
N LYS A 13 -2.55 -0.79 6.84
CA LYS A 13 -1.21 -1.00 7.37
C LYS A 13 -0.53 -2.16 6.69
N TRP A 14 -1.32 -3.18 6.30
CA TRP A 14 -0.80 -4.32 5.58
C TRP A 14 -0.06 -3.82 4.33
N CYS A 15 -0.73 -2.97 3.58
CA CYS A 15 -0.16 -2.40 2.39
C CYS A 15 1.04 -1.52 2.73
N ARG A 16 0.93 -0.72 3.75
CA ARG A 16 2.00 0.20 4.13
C ARG A 16 3.26 -0.57 4.60
N ASP A 17 3.06 -1.62 5.37
CA ASP A 17 4.15 -2.40 5.94
C ASP A 17 4.75 -3.33 4.92
N HIS A 18 3.90 -4.02 4.20
CA HIS A 18 4.36 -5.10 3.34
C HIS A 18 4.66 -4.64 1.92
N ALA A 19 4.04 -3.57 1.48
CA ALA A 19 4.35 -3.03 0.18
C ALA A 19 5.36 -1.93 0.36
N ARG A 20 6.53 -2.17 -0.14
CA ARG A 20 7.70 -1.32 0.05
C ARG A 20 7.65 -0.09 -0.84
N CYS A 21 6.56 0.06 -1.54
CA CYS A 21 6.29 1.23 -2.33
C CYS A 21 5.69 2.30 -1.42
N CYS A 22 5.18 1.85 -0.29
CA CYS A 22 4.59 2.70 0.70
C CYS A 22 5.64 3.07 1.74
N NH2 A 23 5.91 2.18 2.66
HN1 NH2 A 23 5.89 2.43 3.61
HN2 NH2 A 23 6.15 1.26 2.38
N PCA A 1 3.54 -3.77 -5.25
CA PCA A 1 2.33 -4.08 -5.90
CB PCA A 1 2.66 -5.39 -6.60
CG PCA A 1 4.11 -5.17 -6.89
CD PCA A 1 4.60 -4.34 -5.71
OE PCA A 1 5.77 -4.25 -5.27
C PCA A 1 1.24 -4.28 -4.88
O PCA A 1 1.47 -4.07 -3.67
H PCA A 1 3.55 -3.14 -4.49
HA PCA A 1 2.08 -3.35 -6.66
HB2 PCA A 1 2.07 -5.50 -7.50
HB3 PCA A 1 2.49 -6.22 -5.92
HG2 PCA A 1 4.64 -6.12 -6.92
HG3 PCA A 1 4.26 -4.60 -7.79
N GLY A 2 0.07 -4.61 -5.33
CA GLY A 2 -1.05 -4.88 -4.47
C GLY A 2 -1.79 -3.65 -4.02
N CYS A 3 -1.09 -2.76 -3.35
CA CYS A 3 -1.73 -1.60 -2.76
C CYS A 3 -1.05 -0.29 -3.18
N CYS A 4 -0.29 -0.35 -4.23
CA CYS A 4 0.46 0.82 -4.72
C CYS A 4 -0.22 1.33 -5.98
N ASN A 5 -1.49 1.04 -6.04
CA ASN A 5 -2.33 1.39 -7.15
C ASN A 5 -2.93 2.76 -6.92
N GLY A 6 -2.85 3.22 -5.70
CA GLY A 6 -3.36 4.50 -5.34
C GLY A 6 -2.91 4.90 -3.96
N PRO A 7 -3.06 6.19 -3.59
CA PRO A 7 -2.63 6.71 -2.27
C PRO A 7 -3.41 6.06 -1.11
N LYS A 8 -4.62 5.62 -1.37
CA LYS A 8 -5.42 5.02 -0.33
C LYS A 8 -5.18 3.54 -0.24
N GLY A 9 -4.51 3.00 -1.27
CA GLY A 9 -4.07 1.62 -1.23
C GLY A 9 -3.09 1.48 -0.11
N CYS A 10 -2.18 2.41 -0.06
CA CYS A 10 -1.14 2.45 0.94
C CYS A 10 -1.64 3.03 2.27
N SER A 11 -2.91 3.38 2.34
CA SER A 11 -3.45 3.96 3.55
C SER A 11 -3.68 2.87 4.59
N SER A 12 -4.03 1.69 4.14
CA SER A 12 -4.24 0.58 5.02
C SER A 12 -2.88 0.04 5.52
N LYS A 13 -2.77 -0.12 6.84
CA LYS A 13 -1.55 -0.59 7.51
C LYS A 13 -0.99 -1.87 6.87
N TRP A 14 -1.87 -2.83 6.62
CA TRP A 14 -1.51 -4.10 5.97
C TRP A 14 -0.77 -3.83 4.65
N CYS A 15 -1.31 -2.92 3.87
CA CYS A 15 -0.72 -2.56 2.61
C CYS A 15 0.57 -1.80 2.80
N ARG A 16 0.60 -0.85 3.73
CA ARG A 16 1.80 -0.05 4.00
C ARG A 16 2.96 -0.96 4.47
N ASP A 17 2.58 -2.02 5.15
CA ASP A 17 3.51 -3.00 5.68
C ASP A 17 4.05 -3.93 4.60
N HIS A 18 3.19 -4.35 3.69
CA HIS A 18 3.60 -5.34 2.70
C HIS A 18 4.07 -4.72 1.40
N ALA A 19 3.43 -3.65 1.00
CA ALA A 19 3.80 -2.99 -0.22
C ALA A 19 4.90 -2.00 0.08
N ARG A 20 6.06 -2.26 -0.45
CA ARG A 20 7.22 -1.47 -0.16
C ARG A 20 7.32 -0.30 -1.10
N CYS A 21 6.40 -0.24 -2.04
CA CYS A 21 6.28 0.85 -2.98
C CYS A 21 5.38 1.96 -2.41
N CYS A 22 4.99 1.77 -1.17
CA CYS A 22 4.20 2.74 -0.45
C CYS A 22 5.12 3.68 0.32
N NH2 A 23 5.53 3.28 1.48
HN1 NH2 A 23 6.40 2.82 1.55
HN2 NH2 A 23 4.93 3.45 2.25
N PCA A 1 -6.35 -6.50 -3.50
CA PCA A 1 -5.35 -5.79 -2.79
CB PCA A 1 -4.76 -6.82 -1.87
CG PCA A 1 -5.99 -7.66 -1.62
CD PCA A 1 -6.76 -7.59 -2.94
OE PCA A 1 -7.63 -8.40 -3.36
C PCA A 1 -4.32 -5.22 -3.75
O PCA A 1 -3.56 -5.97 -4.37
H PCA A 1 -6.72 -6.17 -4.36
HA PCA A 1 -5.80 -5.01 -2.18
HB2 PCA A 1 -4.38 -6.36 -0.97
HB3 PCA A 1 -3.98 -7.36 -2.38
HG2 PCA A 1 -5.71 -8.68 -1.40
HG3 PCA A 1 -6.61 -7.23 -0.84
N GLY A 2 -4.35 -3.94 -3.91
CA GLY A 2 -3.41 -3.25 -4.72
C GLY A 2 -2.81 -2.17 -3.88
N CYS A 3 -1.56 -2.27 -3.65
CA CYS A 3 -0.88 -1.35 -2.75
C CYS A 3 -0.20 -0.26 -3.51
N CYS A 4 0.46 -0.66 -4.53
CA CYS A 4 1.31 0.23 -5.30
C CYS A 4 0.56 0.84 -6.47
N ASN A 5 -0.73 0.93 -6.35
CA ASN A 5 -1.52 1.52 -7.40
C ASN A 5 -1.65 3.01 -7.16
N GLY A 6 -1.25 3.44 -6.00
CA GLY A 6 -1.31 4.82 -5.66
C GLY A 6 -1.43 5.01 -4.17
N PRO A 7 -1.61 6.27 -3.71
CA PRO A 7 -1.70 6.59 -2.27
C PRO A 7 -2.84 5.88 -1.55
N LYS A 8 -3.86 5.48 -2.29
CA LYS A 8 -5.01 4.84 -1.70
C LYS A 8 -4.82 3.34 -1.60
N GLY A 9 -3.72 2.83 -2.16
CA GLY A 9 -3.44 1.43 -2.04
C GLY A 9 -2.79 1.14 -0.72
N CYS A 10 -2.15 2.15 -0.17
CA CYS A 10 -1.43 2.07 1.08
C CYS A 10 -2.37 2.33 2.26
N SER A 11 -3.66 2.18 2.03
CA SER A 11 -4.67 2.42 3.02
C SER A 11 -4.64 1.36 4.14
N SER A 12 -4.28 0.14 3.77
CA SER A 12 -4.19 -0.93 4.74
C SER A 12 -2.83 -0.90 5.43
N LYS A 13 -2.75 -1.53 6.58
CA LYS A 13 -1.51 -1.60 7.32
C LYS A 13 -0.59 -2.56 6.58
N TRP A 14 -1.21 -3.58 5.99
CA TRP A 14 -0.53 -4.60 5.22
C TRP A 14 0.30 -3.95 4.11
N CYS A 15 -0.35 -3.15 3.29
CA CYS A 15 0.33 -2.47 2.19
C CYS A 15 1.35 -1.46 2.71
N ARG A 16 0.99 -0.72 3.74
CA ARG A 16 1.88 0.31 4.27
C ARG A 16 3.16 -0.29 4.87
N ASP A 17 3.07 -1.51 5.35
CA ASP A 17 4.22 -2.17 5.95
C ASP A 17 5.01 -2.99 4.92
N HIS A 18 4.30 -3.74 4.09
CA HIS A 18 4.97 -4.70 3.20
C HIS A 18 5.29 -4.12 1.83
N ALA A 19 4.64 -3.06 1.44
CA ALA A 19 4.89 -2.48 0.15
C ALA A 19 5.82 -1.29 0.29
N ARG A 20 6.74 -1.19 -0.62
CA ARG A 20 7.78 -0.17 -0.57
C ARG A 20 7.32 1.08 -1.32
N CYS A 21 6.16 0.97 -1.92
CA CYS A 21 5.52 2.07 -2.62
C CYS A 21 4.70 2.90 -1.64
N CYS A 22 4.80 2.52 -0.39
CA CYS A 22 4.10 3.19 0.66
C CYS A 22 5.13 3.81 1.58
N NH2 A 23 5.38 5.07 1.40
HN1 NH2 A 23 5.42 5.65 2.20
HN2 NH2 A 23 5.50 5.41 0.48
N PCA A 1 3.04 -3.45 -4.68
CA PCA A 1 1.89 -4.21 -5.01
CB PCA A 1 1.50 -4.82 -3.69
CG PCA A 1 2.86 -5.00 -3.08
CD PCA A 1 3.64 -3.80 -3.59
OE PCA A 1 4.60 -3.24 -3.03
C PCA A 1 0.82 -3.25 -5.52
O PCA A 1 1.12 -2.09 -5.83
H PCA A 1 3.33 -2.71 -5.25
HA PCA A 1 2.11 -5.00 -5.71
HB2 PCA A 1 0.99 -5.76 -3.84
HB3 PCA A 1 0.88 -4.14 -3.12
HG2 PCA A 1 2.79 -4.96 -1.99
HG3 PCA A 1 3.34 -5.89 -3.43
N GLY A 2 -0.41 -3.72 -5.56
CA GLY A 2 -1.53 -2.92 -6.07
C GLY A 2 -1.86 -1.74 -5.19
N CYS A 3 -1.29 -1.74 -4.00
CA CYS A 3 -1.55 -0.70 -3.02
C CYS A 3 -1.03 0.66 -3.48
N CYS A 4 -0.04 0.63 -4.31
CA CYS A 4 0.55 1.86 -4.82
C CYS A 4 -0.04 2.23 -6.17
N ASN A 5 -1.10 1.52 -6.55
CA ASN A 5 -1.79 1.79 -7.81
C ASN A 5 -3.13 2.43 -7.50
N GLY A 6 -3.26 2.90 -6.30
CA GLY A 6 -4.47 3.55 -5.87
C GLY A 6 -4.16 4.66 -4.91
N PRO A 7 -4.96 5.74 -4.90
CA PRO A 7 -4.78 6.87 -3.98
C PRO A 7 -4.68 6.41 -2.52
N LYS A 8 -5.52 5.46 -2.15
CA LYS A 8 -5.52 4.92 -0.82
C LYS A 8 -5.31 3.42 -0.85
N GLY A 9 -4.09 3.03 -1.10
CA GLY A 9 -3.75 1.65 -1.01
C GLY A 9 -2.99 1.38 0.27
N CYS A 10 -1.95 2.16 0.48
CA CYS A 10 -1.12 2.05 1.68
C CYS A 10 -1.74 2.77 2.88
N SER A 11 -3.01 3.09 2.75
CA SER A 11 -3.78 3.69 3.80
C SER A 11 -4.05 2.64 4.89
N SER A 12 -4.10 1.40 4.45
CA SER A 12 -4.23 0.29 5.32
C SER A 12 -2.85 -0.10 5.80
N LYS A 13 -2.75 -0.43 7.08
CA LYS A 13 -1.50 -0.83 7.69
C LYS A 13 -0.92 -2.07 7.03
N TRP A 14 -1.78 -2.87 6.40
CA TRP A 14 -1.33 -4.05 5.70
C TRP A 14 -0.44 -3.63 4.54
N CYS A 15 -0.94 -2.76 3.68
CA CYS A 15 -0.16 -2.28 2.56
C CYS A 15 0.98 -1.38 3.03
N ARG A 16 0.73 -0.59 4.05
CA ARG A 16 1.74 0.29 4.61
C ARG A 16 2.95 -0.50 5.10
N ASP A 17 2.72 -1.70 5.59
CA ASP A 17 3.80 -2.55 6.08
C ASP A 17 4.34 -3.47 4.98
N HIS A 18 3.42 -4.17 4.33
CA HIS A 18 3.79 -5.28 3.45
C HIS A 18 4.06 -4.89 2.02
N ALA A 19 3.73 -3.69 1.62
CA ALA A 19 4.04 -3.28 0.27
C ALA A 19 5.48 -2.89 0.21
N ARG A 20 6.13 -3.21 -0.87
CA ARG A 20 7.53 -2.93 -1.01
C ARG A 20 7.69 -1.50 -1.50
N CYS A 21 6.64 -0.97 -2.10
CA CYS A 21 6.63 0.40 -2.58
C CYS A 21 6.32 1.37 -1.44
N CYS A 22 5.79 0.87 -0.34
CA CYS A 22 5.52 1.67 0.83
C CYS A 22 6.36 1.17 1.99
N NH2 A 23 5.94 0.11 2.62
HN1 NH2 A 23 6.01 -0.77 2.16
HN2 NH2 A 23 5.56 0.21 3.52
N PCA A 1 3.41 -3.93 -5.69
CA PCA A 1 2.21 -3.95 -6.43
CB PCA A 1 2.37 -5.17 -7.29
CG PCA A 1 3.86 -5.16 -7.50
CD PCA A 1 4.40 -4.60 -6.19
OE PCA A 1 5.56 -4.77 -5.72
C PCA A 1 1.02 -4.11 -5.50
O PCA A 1 1.19 -4.19 -4.27
H PCA A 1 3.47 -3.43 -4.84
HA PCA A 1 2.12 -3.10 -7.08
HB2 PCA A 1 1.83 -5.06 -8.22
HB3 PCA A 1 2.05 -6.06 -6.76
HG2 PCA A 1 4.24 -6.15 -7.66
HG3 PCA A 1 4.14 -4.48 -8.30
N GLY A 2 -0.14 -4.10 -6.07
CA GLY A 2 -1.35 -4.35 -5.33
C GLY A 2 -1.95 -3.10 -4.73
N CYS A 3 -1.32 -2.58 -3.73
CA CYS A 3 -1.88 -1.45 -2.98
C CYS A 3 -1.28 -0.13 -3.43
N CYS A 4 -0.38 -0.20 -4.35
CA CYS A 4 0.41 0.96 -4.72
C CYS A 4 -0.17 1.69 -5.94
N ASN A 5 -1.39 1.35 -6.29
CA ASN A 5 -2.04 1.99 -7.44
C ASN A 5 -2.80 3.21 -7.02
N GLY A 6 -2.97 3.39 -5.74
CA GLY A 6 -3.70 4.51 -5.24
C GLY A 6 -3.26 4.88 -3.85
N PRO A 7 -3.58 6.10 -3.37
CA PRO A 7 -3.23 6.55 -2.03
C PRO A 7 -4.02 5.82 -0.93
N LYS A 8 -5.07 5.09 -1.29
CA LYS A 8 -5.85 4.38 -0.29
C LYS A 8 -5.25 3.02 -0.05
N GLY A 9 -4.59 2.48 -1.07
CA GLY A 9 -3.91 1.23 -0.92
C GLY A 9 -2.84 1.36 0.13
N CYS A 10 -2.00 2.35 -0.03
CA CYS A 10 -0.90 2.59 0.90
C CYS A 10 -1.38 3.21 2.23
N SER A 11 -2.65 3.62 2.27
CA SER A 11 -3.22 4.15 3.50
C SER A 11 -3.63 2.98 4.39
N SER A 12 -3.79 1.83 3.78
CA SER A 12 -4.11 0.63 4.50
C SER A 12 -2.82 0.16 5.19
N LYS A 13 -2.89 -0.07 6.50
CA LYS A 13 -1.73 -0.42 7.30
C LYS A 13 -1.02 -1.68 6.81
N TRP A 14 -1.77 -2.66 6.34
CA TRP A 14 -1.18 -3.89 5.84
C TRP A 14 -0.30 -3.57 4.63
N CYS A 15 -0.81 -2.73 3.77
CA CYS A 15 -0.10 -2.37 2.57
C CYS A 15 1.05 -1.41 2.89
N ARG A 16 0.84 -0.51 3.82
CA ARG A 16 1.89 0.40 4.27
C ARG A 16 3.08 -0.39 4.85
N ASP A 17 2.75 -1.47 5.53
CA ASP A 17 3.76 -2.30 6.16
C ASP A 17 4.40 -3.26 5.16
N HIS A 18 3.58 -4.00 4.46
CA HIS A 18 4.07 -5.10 3.62
C HIS A 18 4.32 -4.73 2.18
N ALA A 19 3.55 -3.82 1.62
CA ALA A 19 3.76 -3.44 0.24
C ALA A 19 4.95 -2.53 0.16
N ARG A 20 5.94 -2.94 -0.59
CA ARG A 20 7.23 -2.27 -0.60
C ARG A 20 7.20 -1.01 -1.44
N CYS A 21 6.14 -0.83 -2.16
CA CYS A 21 5.92 0.39 -2.92
C CYS A 21 5.02 1.35 -2.13
N CYS A 22 4.69 0.95 -0.93
CA CYS A 22 3.95 1.76 0.00
C CYS A 22 4.86 2.13 1.14
N NH2 A 23 5.09 1.22 2.05
HN1 NH2 A 23 5.79 0.55 1.85
HN2 NH2 A 23 4.58 1.22 2.89
N PCA A 1 1.12 -5.79 -5.24
CA PCA A 1 0.33 -5.17 -6.24
CB PCA A 1 -0.20 -6.35 -7.03
CG PCA A 1 0.96 -7.30 -6.88
CD PCA A 1 1.50 -6.99 -5.49
OE PCA A 1 2.15 -7.78 -4.75
C PCA A 1 -0.82 -4.43 -5.61
O PCA A 1 -1.18 -4.71 -4.45
H PCA A 1 1.36 -5.30 -4.42
HA PCA A 1 0.92 -4.55 -6.91
HB2 PCA A 1 -0.37 -6.07 -8.06
HB3 PCA A 1 -1.10 -6.72 -6.58
HG2 PCA A 1 0.62 -8.31 -6.93
HG3 PCA A 1 1.74 -7.09 -7.60
N GLY A 2 -1.35 -3.46 -6.31
CA GLY A 2 -2.53 -2.74 -5.85
C GLY A 2 -2.23 -1.63 -4.86
N CYS A 3 -1.56 -1.98 -3.78
CA CYS A 3 -1.30 -1.09 -2.66
C CYS A 3 -0.69 0.25 -3.04
N CYS A 4 0.23 0.19 -3.92
CA CYS A 4 0.95 1.38 -4.32
C CYS A 4 0.40 1.97 -5.62
N ASN A 5 -0.67 1.39 -6.13
CA ASN A 5 -1.28 1.84 -7.37
C ASN A 5 -2.52 2.66 -7.10
N GLY A 6 -2.68 3.06 -5.87
CA GLY A 6 -3.80 3.85 -5.51
C GLY A 6 -3.62 4.50 -4.18
N PRO A 7 -4.15 5.73 -3.98
CA PRO A 7 -4.04 6.45 -2.71
C PRO A 7 -4.67 5.70 -1.52
N LYS A 8 -5.67 4.87 -1.79
CA LYS A 8 -6.35 4.15 -0.72
C LYS A 8 -5.65 2.83 -0.46
N GLY A 9 -4.60 2.55 -1.24
CA GLY A 9 -3.87 1.32 -1.10
C GLY A 9 -3.08 1.27 0.17
N CYS A 10 -2.04 2.08 0.26
CA CYS A 10 -1.16 2.09 1.42
C CYS A 10 -1.73 2.89 2.59
N SER A 11 -3.00 3.26 2.47
CA SER A 11 -3.72 3.86 3.57
C SER A 11 -3.92 2.75 4.60
N SER A 12 -4.20 1.57 4.09
CA SER A 12 -4.34 0.40 4.90
C SER A 12 -2.96 0.05 5.45
N LYS A 13 -2.89 -0.17 6.76
CA LYS A 13 -1.64 -0.40 7.45
C LYS A 13 -0.92 -1.64 6.92
N TRP A 14 -1.70 -2.62 6.45
CA TRP A 14 -1.12 -3.82 5.85
C TRP A 14 -0.32 -3.43 4.62
N CYS A 15 -0.92 -2.63 3.77
CA CYS A 15 -0.27 -2.18 2.55
C CYS A 15 0.87 -1.21 2.82
N ARG A 16 0.82 -0.54 3.95
CA ARG A 16 1.87 0.39 4.28
C ARG A 16 3.16 -0.37 4.61
N ASP A 17 3.05 -1.45 5.36
CA ASP A 17 4.22 -2.22 5.74
C ASP A 17 4.57 -3.28 4.71
N HIS A 18 3.56 -3.97 4.23
CA HIS A 18 3.78 -5.18 3.43
C HIS A 18 3.91 -4.91 1.94
N ALA A 19 3.92 -3.65 1.58
CA ALA A 19 4.18 -3.26 0.21
C ALA A 19 5.45 -2.45 0.20
N ARG A 20 6.46 -3.00 -0.44
CA ARG A 20 7.81 -2.42 -0.45
C ARG A 20 7.87 -1.07 -1.14
N CYS A 21 6.91 -0.82 -1.99
CA CYS A 21 6.84 0.42 -2.71
C CYS A 21 6.37 1.60 -1.83
N CYS A 22 5.85 1.30 -0.66
CA CYS A 22 5.45 2.33 0.27
C CYS A 22 6.40 2.37 1.46
N NH2 A 23 7.47 3.11 1.32
HN1 NH2 A 23 7.36 4.09 1.22
HN2 NH2 A 23 8.33 2.66 1.33
N PCA A 1 -3.26 -5.03 -1.97
CA PCA A 1 -2.50 -5.69 -2.98
CB PCA A 1 -3.52 -6.54 -3.68
CG PCA A 1 -4.43 -6.86 -2.52
CD PCA A 1 -4.37 -5.61 -1.65
OE PCA A 1 -5.27 -5.21 -0.84
C PCA A 1 -1.89 -4.67 -3.92
O PCA A 1 -0.66 -4.51 -3.99
H PCA A 1 -2.94 -4.19 -1.55
HA PCA A 1 -1.75 -6.33 -2.53
HB2 PCA A 1 -3.06 -7.42 -4.09
HB3 PCA A 1 -4.03 -5.98 -4.44
HG2 PCA A 1 -5.44 -7.05 -2.85
HG3 PCA A 1 -4.03 -7.68 -1.93
N GLY A 2 -2.73 -3.90 -4.60
CA GLY A 2 -2.26 -2.87 -5.52
C GLY A 2 -2.08 -1.56 -4.79
N CYS A 3 -1.34 -1.62 -3.73
CA CYS A 3 -1.19 -0.53 -2.80
C CYS A 3 -0.32 0.60 -3.34
N CYS A 4 0.38 0.30 -4.39
CA CYS A 4 1.31 1.26 -4.97
C CYS A 4 0.74 1.83 -6.26
N ASN A 5 -0.31 1.23 -6.74
CA ASN A 5 -0.95 1.70 -7.96
C ASN A 5 -2.05 2.68 -7.62
N GLY A 6 -2.68 2.42 -6.51
CA GLY A 6 -3.75 3.27 -6.03
C GLY A 6 -3.18 4.23 -5.03
N PRO A 7 -3.50 5.53 -5.16
CA PRO A 7 -2.96 6.57 -4.28
C PRO A 7 -3.17 6.31 -2.77
N LYS A 8 -4.30 5.73 -2.41
CA LYS A 8 -4.56 5.43 -1.00
C LYS A 8 -4.42 3.94 -0.76
N GLY A 9 -3.59 3.31 -1.56
CA GLY A 9 -3.36 1.89 -1.44
C GLY A 9 -2.79 1.49 -0.09
N CYS A 10 -1.95 2.32 0.47
CA CYS A 10 -1.31 2.03 1.75
C CYS A 10 -2.20 2.46 2.94
N SER A 11 -3.52 2.44 2.73
CA SER A 11 -4.48 2.75 3.77
C SER A 11 -4.54 1.59 4.77
N SER A 12 -4.39 0.38 4.28
CA SER A 12 -4.42 -0.77 5.13
C SER A 12 -3.05 -0.95 5.80
N LYS A 13 -3.07 -1.53 7.00
CA LYS A 13 -1.86 -1.78 7.76
C LYS A 13 -0.89 -2.65 6.95
N TRP A 14 -1.45 -3.65 6.27
CA TRP A 14 -0.70 -4.54 5.41
C TRP A 14 0.05 -3.75 4.34
N CYS A 15 -0.69 -2.97 3.57
CA CYS A 15 -0.11 -2.20 2.48
C CYS A 15 0.91 -1.19 2.95
N ARG A 16 0.66 -0.54 4.07
CA ARG A 16 1.57 0.49 4.55
C ARG A 16 2.95 -0.11 4.92
N ASP A 17 2.97 -1.38 5.23
CA ASP A 17 4.20 -2.03 5.63
C ASP A 17 4.80 -2.86 4.50
N HIS A 18 3.98 -3.68 3.88
CA HIS A 18 4.48 -4.69 2.96
C HIS A 18 4.59 -4.20 1.52
N ALA A 19 3.82 -3.20 1.15
CA ALA A 19 3.90 -2.68 -0.22
C ALA A 19 5.21 -1.94 -0.37
N ARG A 20 5.88 -2.17 -1.48
CA ARG A 20 7.24 -1.68 -1.68
C ARG A 20 7.34 -0.18 -1.85
N CYS A 21 6.22 0.45 -2.05
CA CYS A 21 6.15 1.89 -2.15
C CYS A 21 6.07 2.53 -0.76
N CYS A 22 5.70 1.72 0.21
CA CYS A 22 5.53 2.18 1.55
C CYS A 22 6.38 1.33 2.49
N NH2 A 23 5.89 0.18 2.86
HN1 NH2 A 23 5.49 0.11 3.75
HN2 NH2 A 23 5.95 -0.56 2.22
N PCA A 1 -3.47 -6.30 -2.67
CA PCA A 1 -2.17 -6.39 -3.22
CB PCA A 1 -2.18 -7.68 -3.98
CG PCA A 1 -3.14 -8.46 -3.12
CD PCA A 1 -4.12 -7.42 -2.60
OE PCA A 1 -5.32 -7.60 -2.25
C PCA A 1 -1.89 -5.21 -4.14
O PCA A 1 -0.73 -4.91 -4.46
H PCA A 1 -3.84 -5.44 -2.35
HA PCA A 1 -1.43 -6.47 -2.43
HB2 PCA A 1 -1.21 -8.12 -4.00
HB3 PCA A 1 -2.56 -7.52 -4.98
HG2 PCA A 1 -3.66 -9.20 -3.71
HG3 PCA A 1 -2.64 -8.90 -2.27
N GLY A 2 -2.94 -4.53 -4.56
CA GLY A 2 -2.79 -3.34 -5.39
C GLY A 2 -2.50 -2.13 -4.53
N CYS A 3 -1.47 -2.26 -3.75
CA CYS A 3 -1.09 -1.26 -2.78
C CYS A 3 -0.38 -0.11 -3.44
N CYS A 4 0.14 -0.37 -4.57
CA CYS A 4 0.93 0.61 -5.28
C CYS A 4 0.13 1.18 -6.43
N ASN A 5 -1.18 0.99 -6.38
CA ASN A 5 -2.03 1.43 -7.47
C ASN A 5 -2.50 2.87 -7.24
N GLY A 6 -2.06 3.46 -6.14
CA GLY A 6 -2.41 4.81 -5.87
C GLY A 6 -2.30 5.12 -4.40
N PRO A 7 -2.55 6.39 -4.00
CA PRO A 7 -2.47 6.84 -2.59
C PRO A 7 -3.31 5.98 -1.64
N LYS A 8 -4.45 5.51 -2.10
CA LYS A 8 -5.34 4.72 -1.28
C LYS A 8 -5.01 3.25 -1.36
N GLY A 9 -3.82 2.96 -1.83
CA GLY A 9 -3.34 1.64 -1.77
C GLY A 9 -2.56 1.44 -0.49
N CYS A 10 -1.98 2.53 0.00
CA CYS A 10 -1.13 2.51 1.19
C CYS A 10 -1.92 2.88 2.45
N SER A 11 -3.22 2.91 2.32
CA SER A 11 -4.11 3.28 3.39
C SER A 11 -4.23 2.16 4.42
N SER A 12 -4.05 0.94 3.98
CA SER A 12 -4.12 -0.19 4.84
C SER A 12 -2.75 -0.47 5.45
N LYS A 13 -2.73 -0.84 6.71
CA LYS A 13 -1.49 -1.18 7.42
C LYS A 13 -0.82 -2.36 6.73
N TRP A 14 -1.63 -3.27 6.23
CA TRP A 14 -1.18 -4.43 5.49
C TRP A 14 -0.27 -3.99 4.32
N CYS A 15 -0.77 -3.07 3.52
CA CYS A 15 -0.01 -2.55 2.41
C CYS A 15 1.13 -1.67 2.89
N ARG A 16 0.91 -0.94 3.97
CA ARG A 16 1.92 -0.05 4.53
C ARG A 16 3.14 -0.87 4.97
N ASP A 17 2.89 -2.06 5.48
CA ASP A 17 3.92 -2.97 5.94
C ASP A 17 4.60 -3.68 4.77
N HIS A 18 3.78 -4.15 3.84
CA HIS A 18 4.27 -5.03 2.77
C HIS A 18 4.77 -4.31 1.54
N ALA A 19 4.16 -3.22 1.19
CA ALA A 19 4.51 -2.54 -0.02
C ALA A 19 5.55 -1.46 0.23
N ARG A 20 6.67 -1.58 -0.46
CA ARG A 20 7.77 -0.65 -0.31
C ARG A 20 7.53 0.61 -1.14
N CYS A 21 6.44 0.60 -1.88
CA CYS A 21 5.98 1.77 -2.61
C CYS A 21 5.27 2.72 -1.63
N CYS A 22 5.03 2.23 -0.43
CA CYS A 22 4.38 2.98 0.60
C CYS A 22 5.41 3.43 1.61
N NH2 A 23 5.96 4.60 1.40
HN1 NH2 A 23 5.50 5.39 1.76
HN2 NH2 A 23 6.80 4.62 0.89
N PCA A 1 1.32 -5.80 -4.11
CA PCA A 1 0.12 -6.14 -3.42
CB PCA A 1 0.36 -5.62 -2.04
CG PCA A 1 1.85 -5.81 -1.94
CD PCA A 1 2.35 -5.57 -3.36
OE PCA A 1 3.48 -5.18 -3.71
C PCA A 1 -1.07 -5.45 -4.08
O PCA A 1 -2.21 -5.88 -3.93
H PCA A 1 1.35 -5.76 -5.09
HA PCA A 1 -0.02 -7.22 -3.37
HB2 PCA A 1 -0.17 -6.21 -1.31
HB3 PCA A 1 0.07 -4.58 -1.97
HG2 PCA A 1 2.29 -5.09 -1.27
HG3 PCA A 1 2.10 -6.82 -1.66
N GLY A 2 -0.78 -4.38 -4.79
CA GLY A 2 -1.80 -3.62 -5.47
C GLY A 2 -1.97 -2.25 -4.88
N CYS A 3 -1.42 -2.08 -3.71
CA CYS A 3 -1.60 -0.87 -2.93
C CYS A 3 -0.76 0.29 -3.47
N CYS A 4 0.21 -0.03 -4.27
CA CYS A 4 1.08 0.98 -4.87
C CYS A 4 0.46 1.55 -6.13
N ASN A 5 -0.59 0.92 -6.60
CA ASN A 5 -1.21 1.32 -7.86
C ASN A 5 -2.44 2.17 -7.57
N GLY A 6 -2.71 2.38 -6.29
CA GLY A 6 -3.88 3.12 -5.89
C GLY A 6 -3.48 4.36 -5.11
N PRO A 7 -4.25 5.46 -5.22
CA PRO A 7 -3.94 6.73 -4.57
C PRO A 7 -3.84 6.64 -3.04
N LYS A 8 -4.74 5.90 -2.42
CA LYS A 8 -4.76 5.76 -0.97
C LYS A 8 -4.40 4.35 -0.57
N GLY A 9 -3.61 3.71 -1.43
CA GLY A 9 -3.18 2.35 -1.23
C GLY A 9 -2.44 2.13 0.08
N CYS A 10 -1.64 3.09 0.47
CA CYS A 10 -0.84 2.95 1.68
C CYS A 10 -1.62 3.25 2.96
N SER A 11 -2.88 3.65 2.82
CA SER A 11 -3.69 3.91 3.98
C SER A 11 -4.32 2.58 4.45
N SER A 12 -3.44 1.71 4.90
CA SER A 12 -3.75 0.40 5.38
C SER A 12 -2.47 -0.18 5.93
N LYS A 13 -2.56 -0.86 7.04
CA LYS A 13 -1.38 -1.42 7.65
C LYS A 13 -0.90 -2.60 6.84
N TRP A 14 -1.83 -3.34 6.25
CA TRP A 14 -1.51 -4.48 5.40
C TRP A 14 -0.68 -4.01 4.20
N CYS A 15 -1.10 -2.91 3.63
CA CYS A 15 -0.41 -2.34 2.51
C CYS A 15 0.91 -1.71 2.94
N ARG A 16 0.94 -1.08 4.12
CA ARG A 16 2.17 -0.46 4.62
C ARG A 16 3.22 -1.57 4.88
N ASP A 17 2.73 -2.70 5.35
CA ASP A 17 3.57 -3.86 5.64
C ASP A 17 4.13 -4.49 4.36
N HIS A 18 3.30 -4.60 3.34
CA HIS A 18 3.70 -5.33 2.13
C HIS A 18 4.20 -4.48 0.98
N ALA A 19 3.52 -3.39 0.71
CA ALA A 19 3.81 -2.58 -0.45
C ALA A 19 5.07 -1.75 -0.25
N ARG A 20 5.94 -1.79 -1.23
CA ARG A 20 7.26 -1.16 -1.17
C ARG A 20 7.18 0.35 -1.29
N CYS A 21 6.03 0.84 -1.68
CA CYS A 21 5.80 2.26 -1.84
C CYS A 21 5.32 2.88 -0.54
N CYS A 22 5.00 2.05 0.41
CA CYS A 22 4.44 2.50 1.67
C CYS A 22 5.51 2.58 2.74
N NH2 A 23 6.12 3.73 2.88
HN1 NH2 A 23 5.97 4.24 3.71
HN2 NH2 A 23 6.70 4.03 2.15
N PCA A 1 -2.47 -7.66 -5.07
CA PCA A 1 -3.04 -6.64 -4.26
CB PCA A 1 -2.15 -6.66 -3.05
CG PCA A 1 -1.83 -8.13 -2.98
CD PCA A 1 -1.76 -8.54 -4.45
OE PCA A 1 -1.21 -9.59 -4.89
C PCA A 1 -2.98 -5.29 -4.95
O PCA A 1 -2.39 -5.16 -6.03
H PCA A 1 -2.60 -7.67 -6.06
HA PCA A 1 -4.03 -6.90 -3.95
HB2 PCA A 1 -2.70 -6.32 -2.17
HB3 PCA A 1 -1.28 -6.05 -3.20
HG2 PCA A 1 -0.87 -8.28 -2.51
HG3 PCA A 1 -2.61 -8.67 -2.51
N GLY A 2 -3.57 -4.32 -4.34
CA GLY A 2 -3.59 -2.99 -4.85
C GLY A 2 -3.01 -2.06 -3.84
N CYS A 3 -1.74 -2.19 -3.61
CA CYS A 3 -1.05 -1.39 -2.63
C CYS A 3 -0.30 -0.28 -3.30
N CYS A 4 0.36 -0.62 -4.34
CA CYS A 4 1.19 0.31 -5.08
C CYS A 4 0.46 0.86 -6.28
N ASN A 5 -0.85 0.86 -6.21
CA ASN A 5 -1.68 1.34 -7.29
C ASN A 5 -1.93 2.84 -7.14
N GLY A 6 -1.59 3.36 -6.00
CA GLY A 6 -1.77 4.75 -5.76
C GLY A 6 -1.99 5.05 -4.30
N PRO A 7 -2.50 6.27 -4.00
CA PRO A 7 -2.70 6.75 -2.62
C PRO A 7 -3.67 5.91 -1.78
N LYS A 8 -4.46 5.06 -2.41
CA LYS A 8 -5.43 4.26 -1.67
C LYS A 8 -4.84 2.93 -1.19
N GLY A 9 -3.68 2.59 -1.69
CA GLY A 9 -3.08 1.33 -1.31
C GLY A 9 -2.46 1.40 0.06
N CYS A 10 -1.65 2.42 0.26
CA CYS A 10 -0.90 2.63 1.51
C CYS A 10 -1.81 2.96 2.71
N SER A 11 -3.10 3.07 2.46
CA SER A 11 -4.05 3.35 3.50
C SER A 11 -4.22 2.14 4.43
N SER A 12 -4.04 0.95 3.89
CA SER A 12 -4.10 -0.22 4.68
C SER A 12 -2.75 -0.45 5.31
N LYS A 13 -2.77 -0.80 6.57
CA LYS A 13 -1.57 -1.10 7.34
C LYS A 13 -0.84 -2.26 6.70
N TRP A 14 -1.60 -3.18 6.12
CA TRP A 14 -1.08 -4.35 5.46
C TRP A 14 -0.20 -3.90 4.28
N CYS A 15 -0.76 -3.08 3.41
CA CYS A 15 -0.04 -2.56 2.27
C CYS A 15 1.09 -1.64 2.70
N ARG A 16 0.84 -0.82 3.70
CA ARG A 16 1.82 0.12 4.23
C ARG A 16 3.06 -0.61 4.75
N ASP A 17 2.87 -1.80 5.28
CA ASP A 17 3.97 -2.58 5.82
C ASP A 17 4.65 -3.43 4.75
N HIS A 18 3.87 -3.97 3.84
CA HIS A 18 4.41 -4.93 2.88
C HIS A 18 4.87 -4.32 1.57
N ALA A 19 4.31 -3.22 1.20
CA ALA A 19 4.65 -2.61 -0.07
C ALA A 19 5.69 -1.53 0.13
N ARG A 20 6.66 -1.48 -0.77
CA ARG A 20 7.76 -0.53 -0.67
C ARG A 20 7.43 0.77 -1.34
N CYS A 21 6.25 0.84 -1.86
CA CYS A 21 5.74 2.07 -2.44
C CYS A 21 5.18 2.95 -1.33
N CYS A 22 5.01 2.35 -0.18
CA CYS A 22 4.50 3.02 0.98
C CYS A 22 5.67 3.35 1.90
N NH2 A 23 6.26 4.49 1.69
HN1 NH2 A 23 6.63 4.98 2.46
HN2 NH2 A 23 6.30 4.82 0.77
#